data_2KZZ
#
_entry.id   2KZZ
#
_cell.length_a   101.700
_cell.length_b   101.700
_cell.length_c   85.700
_cell.angle_alpha   90.00
_cell.angle_beta   90.00
_cell.angle_gamma   90.00
#
_symmetry.space_group_name_H-M   'P 43'
#
loop_
_entity.id
_entity.type
_entity.pdbx_description
1 polymer "DNA (5'-D(*GP*CP*TP*T*AP*CP*G)-3')"
2 polymer 'PROTEIN (DNA POLYMERASE I)'
3 non-polymer 'ZINC ION'
4 water water
#
loop_
_entity_poly.entity_id
_entity_poly.type
_entity_poly.pdbx_seq_one_letter_code
_entity_poly.pdbx_strand_id
1 'polydeoxyribonucleotide' (DG)(DC)(DT)(DT)(DA)(DC)(DG) B
2 'polypeptide(L)'
;MISYDNYVTILDEETLKAWIAKLEKAPVFAFDTETDSLDNISANLVGLSFAIEPGVAAYIPVAHDYLDAPDQISRERALE
LLKPLLEDEKALKVGQNLKYDRGILANYGIELRGIAFDTMLESYILNSVAGRHDMDSLAERWLKHKTITFEEIAGKGKNQ
LTFNQIALEEAGRYAAEDADVTLQLHLKMWPDLQKHKGPLNVFENIEMPLVPVLSRIERNGVKIDPKVLHNHSEELTLRL
AELEKKAHEIAGEEFNLSSTKQLQTILFEKQGIKPLKKTPGGAPSTSEEVLEELALDYPLPKVILEYRGLAKLKSTYTDK
LPLMINPKTGRVHTSYHQAVTATGRLSSTDPNLQNIPVRNEEGRRIRQAFIAPEDYVIVSADYSQIELRIMAHLSRDKGL
LTAFAEGKDIHRATAAEVFGLPLETVTSEQRRSAKAINFGLIYGMSAFGLARQLNIPRKEAQKYMDLYFERYPGVLEYME
RTRAQAKEQGYVETLDGRRLYLPDIKSSNGARRAAAERAAINAPMQGTAADIIKRAMIAVDAWLQAEQPRVRMIMQVHDE
LVFEVHKDDVDAVAKQIHQLMENCTRLDVPLLVEVGSGENWDQAH
;
A
#
loop_
_chem_comp.id
_chem_comp.type
_chem_comp.name
_chem_comp.formula
DA DNA linking 2'-DEOXYADENOSINE-5'-MONOPHOSPHATE 'C10 H14 N5 O6 P'
DC DNA linking 2'-DEOXYCYTIDINE-5'-MONOPHOSPHATE 'C9 H14 N3 O7 P'
DG DNA linking 2'-DEOXYGUANOSINE-5'-MONOPHOSPHATE 'C10 H14 N5 O7 P'
DT DNA linking THYMIDINE-5'-MONOPHOSPHATE 'C10 H15 N2 O8 P'
ZN non-polymer 'ZINC ION' 'Zn 2'
#
# COMPACT_ATOMS: atom_id res chain seq x y z
N MET B 1 -4.28 1.15 36.39
CA MET B 1 -4.11 2.50 35.78
C MET B 1 -2.67 2.68 35.29
N ILE B 2 -2.11 3.80 35.66
CA ILE B 2 -0.78 4.27 35.39
C ILE B 2 -0.88 5.71 35.93
N SER B 3 -0.08 5.97 36.92
CA SER B 3 -0.06 7.27 37.55
C SER B 3 1.24 7.97 37.25
N TYR B 4 1.49 9.03 38.02
CA TYR B 4 2.68 9.85 37.88
C TYR B 4 3.91 9.18 38.52
N ASP B 5 3.69 8.02 39.15
CA ASP B 5 4.74 7.25 39.84
C ASP B 5 5.55 6.30 38.92
N ASN B 6 4.86 5.70 37.96
CA ASN B 6 5.47 4.75 37.04
C ASN B 6 6.70 5.25 36.29
N TYR B 7 6.55 6.40 35.66
CA TYR B 7 7.61 6.94 34.82
C TYR B 7 8.09 8.31 35.26
N VAL B 8 9.35 8.60 34.97
CA VAL B 8 9.94 9.87 35.34
C VAL B 8 9.73 10.89 34.22
N THR B 9 9.71 12.16 34.61
CA THR B 9 9.55 13.29 33.72
C THR B 9 10.85 14.07 33.84
N ILE B 10 11.67 14.01 32.78
CA ILE B 10 12.95 14.67 32.76
C ILE B 10 12.87 16.13 32.42
N LEU B 11 13.19 16.97 33.41
CA LEU B 11 13.13 18.41 33.27
C LEU B 11 14.48 19.12 33.40
N ASP B 12 15.57 18.35 33.48
CA ASP B 12 16.90 18.95 33.59
C ASP B 12 17.96 18.16 32.83
N GLU B 13 18.92 18.90 32.27
CA GLU B 13 20.01 18.32 31.49
C GLU B 13 20.75 17.21 32.19
N GLU B 14 21.08 17.43 33.46
CA GLU B 14 21.85 16.46 34.21
C GLU B 14 21.17 15.08 34.22
N THR B 15 19.85 15.02 34.37
CA THR B 15 19.12 13.76 34.36
C THR B 15 19.03 13.15 32.95
N LEU B 16 18.90 14.00 31.93
CA LEU B 16 18.82 13.55 30.55
C LEU B 16 20.15 12.90 30.23
N LYS B 17 21.24 13.60 30.53
CA LYS B 17 22.56 13.06 30.27
C LYS B 17 22.79 11.72 31.01
N ALA B 18 22.18 11.58 32.19
CA ALA B 18 22.27 10.35 32.96
C ALA B 18 21.57 9.25 32.16
N TRP B 19 20.38 9.56 31.64
CA TRP B 19 19.65 8.59 30.84
C TRP B 19 20.38 8.28 29.55
N ILE B 20 20.95 9.30 28.91
CA ILE B 20 21.67 9.11 27.65
C ILE B 20 22.80 8.11 27.87
N ALA B 21 23.49 8.22 29.00
CA ALA B 21 24.60 7.32 29.35
C ALA B 21 24.09 5.88 29.48
N LYS B 22 22.96 5.71 30.17
CA LYS B 22 22.37 4.38 30.34
C LYS B 22 21.95 3.82 28.98
N LEU B 23 21.35 4.67 28.16
CA LEU B 23 20.87 4.33 26.82
C LEU B 23 22.00 3.78 25.95
N GLU B 24 23.18 4.39 26.07
CA GLU B 24 24.37 3.98 25.31
C GLU B 24 24.88 2.57 25.59
N LYS B 25 24.50 1.99 26.73
CA LYS B 25 24.96 0.64 26.99
C LYS B 25 23.86 -0.38 26.99
N ALA B 26 22.63 0.08 26.77
CA ALA B 26 21.49 -0.81 26.70
C ALA B 26 21.63 -1.60 25.39
N PRO B 27 21.31 -2.90 25.41
CA PRO B 27 21.42 -3.74 24.22
C PRO B 27 20.49 -3.26 23.07
N VAL B 28 19.31 -2.78 23.43
CA VAL B 28 18.32 -2.24 22.51
C VAL B 28 17.43 -1.35 23.37
N PHE B 29 16.91 -0.26 22.83
CA PHE B 29 16.01 0.58 23.65
C PHE B 29 14.80 1.06 22.84
N ALA B 30 13.66 1.24 23.49
CA ALA B 30 12.46 1.72 22.83
C ALA B 30 12.50 3.25 22.83
N PHE B 31 12.09 3.85 21.72
CA PHE B 31 12.14 5.30 21.58
C PHE B 31 10.87 5.80 20.90
N ASP B 32 10.41 6.97 21.33
CA ASP B 32 9.18 7.54 20.79
C ASP B 32 9.23 9.06 20.73
N THR B 33 8.40 9.64 19.86
CA THR B 33 8.30 11.10 19.74
C THR B 33 6.82 11.49 19.87
N GLU B 34 6.57 12.64 20.47
CA GLU B 34 5.21 13.14 20.57
C GLU B 34 5.27 14.47 19.81
N THR B 35 4.24 14.76 19.02
CA THR B 35 4.21 15.98 18.21
C THR B 35 2.91 16.74 18.37
N ASP B 36 2.83 17.94 17.79
CA ASP B 36 1.58 18.70 17.87
C ASP B 36 0.63 18.40 16.73
N SER B 37 1.03 17.51 15.81
CA SER B 37 0.18 17.17 14.68
C SER B 37 0.50 15.85 14.02
N LEU B 38 -0.52 15.26 13.41
CA LEU B 38 -0.34 14.01 12.68
C LEU B 38 0.43 14.26 11.38
N ASP B 39 0.32 15.46 10.83
CA ASP B 39 1.01 15.79 9.59
C ASP B 39 2.53 15.78 9.80
N ASN B 40 3.17 14.78 9.22
CA ASN B 40 4.59 14.63 9.40
C ASN B 40 5.49 15.78 9.05
N ILE B 41 5.32 16.33 7.85
CA ILE B 41 6.18 17.42 7.40
C ILE B 41 6.01 18.72 8.18
N SER B 42 4.81 18.95 8.72
CA SER B 42 4.58 20.18 9.45
C SER B 42 4.44 20.07 10.97
N ALA B 43 4.48 18.85 11.49
CA ALA B 43 4.38 18.64 12.93
C ALA B 43 5.61 19.17 13.64
N ASN B 44 5.42 19.63 14.87
CA ASN B 44 6.53 20.07 15.71
C ASN B 44 6.70 19.08 16.85
N LEU B 45 7.95 18.71 17.14
CA LEU B 45 8.26 17.79 18.22
C LEU B 45 8.00 18.51 19.53
N VAL B 46 7.16 17.89 20.35
CA VAL B 46 6.78 18.41 21.63
C VAL B 46 7.56 17.67 22.74
N GLY B 47 8.03 16.46 22.45
CA GLY B 47 8.79 15.69 23.44
C GLY B 47 9.22 14.32 22.97
N LEU B 48 10.07 13.66 23.76
CA LEU B 48 10.56 12.33 23.42
C LEU B 48 10.46 11.38 24.63
N SER B 49 10.26 10.09 24.36
CA SER B 49 10.20 9.11 25.42
C SER B 49 11.14 7.94 25.12
N PHE B 50 11.66 7.36 26.20
CA PHE B 50 12.56 6.22 26.09
C PHE B 50 12.23 5.19 27.15
N ALA B 51 12.69 3.97 26.91
CA ALA B 51 12.52 2.88 27.85
C ALA B 51 13.73 1.96 27.67
N ILE B 52 14.53 1.79 28.74
CA ILE B 52 15.72 0.92 28.69
C ILE B 52 15.44 -0.48 29.18
N GLU B 53 14.30 -0.67 29.83
CA GLU B 53 13.96 -1.95 30.44
C GLU B 53 12.48 -1.91 30.83
N PRO B 54 11.80 -3.07 30.85
CA PRO B 54 10.39 -3.08 31.20
C PRO B 54 10.11 -2.42 32.55
N GLY B 55 9.22 -1.43 32.52
CA GLY B 55 8.87 -0.69 33.73
C GLY B 55 9.73 0.53 33.97
N VAL B 56 10.85 0.62 33.25
CA VAL B 56 11.80 1.73 33.38
C VAL B 56 11.78 2.57 32.11
N ALA B 57 10.98 3.64 32.11
CA ALA B 57 10.87 4.52 30.94
C ALA B 57 10.74 5.96 31.40
N ALA B 58 11.08 6.91 30.53
CA ALA B 58 11.01 8.34 30.85
C ALA B 58 10.44 9.21 29.74
N TYR B 59 9.84 10.33 30.13
CA TYR B 59 9.30 11.29 29.18
C TYR B 59 10.09 12.58 29.28
N ILE B 60 10.61 13.04 28.15
CA ILE B 60 11.38 14.30 28.08
C ILE B 60 10.54 15.38 27.34
N PRO B 61 9.81 16.24 28.08
CA PRO B 61 9.00 17.28 27.44
C PRO B 61 9.92 18.40 26.98
N VAL B 62 9.78 18.84 25.74
CA VAL B 62 10.62 19.93 25.30
C VAL B 62 9.83 21.14 24.84
N ALA B 63 8.62 20.92 24.34
CA ALA B 63 7.84 22.04 23.84
C ALA B 63 6.39 22.20 24.28
N HIS B 64 6.08 21.97 25.57
CA HIS B 64 4.72 22.18 26.04
C HIS B 64 4.64 23.66 26.35
N ASP B 65 3.55 24.29 25.94
CA ASP B 65 3.43 25.73 26.11
C ASP B 65 2.11 26.25 26.60
N TYR B 66 1.33 25.40 27.27
CA TYR B 66 0.06 25.84 27.85
C TYR B 66 0.39 26.93 28.88
N LEU B 67 -0.64 27.60 29.37
CA LEU B 67 -0.45 28.67 30.35
C LEU B 67 0.26 28.10 31.57
N ASP B 68 1.40 28.70 31.93
CA ASP B 68 2.25 28.31 33.07
C ASP B 68 2.99 26.97 32.98
N ALA B 69 3.19 26.45 31.77
CA ALA B 69 3.90 25.19 31.62
C ALA B 69 5.27 25.34 32.26
N PRO B 70 5.63 24.42 33.18
CA PRO B 70 6.93 24.44 33.89
C PRO B 70 8.13 24.49 32.95
N ASP B 71 9.26 24.98 33.43
CA ASP B 71 10.46 25.05 32.62
C ASP B 71 10.78 23.65 32.14
N GLN B 72 11.21 23.53 30.88
CA GLN B 72 11.53 22.24 30.30
C GLN B 72 12.84 22.40 29.56
N ILE B 73 13.51 21.30 29.25
CA ILE B 73 14.75 21.39 28.49
C ILE B 73 14.32 21.85 27.11
N SER B 74 15.01 22.82 26.53
CA SER B 74 14.63 23.30 25.20
C SER B 74 14.75 22.22 24.12
N ARG B 75 13.85 22.30 23.13
CA ARG B 75 13.85 21.35 22.04
C ARG B 75 15.22 21.33 21.39
N GLU B 76 15.80 22.50 21.20
CA GLU B 76 17.12 22.59 20.56
C GLU B 76 18.26 21.95 21.38
N ARG B 77 18.22 22.13 22.71
CA ARG B 77 19.24 21.55 23.57
C ARG B 77 19.06 20.02 23.73
N ALA B 78 17.82 19.57 23.84
CA ALA B 78 17.51 18.15 23.96
C ALA B 78 17.92 17.39 22.71
N LEU B 79 17.75 18.01 21.55
CA LEU B 79 18.10 17.38 20.30
C LEU B 79 19.59 17.32 20.06
N GLU B 80 20.31 18.35 20.44
CA GLU B 80 21.74 18.33 20.21
C GLU B 80 22.42 17.29 21.10
N LEU B 81 21.88 17.11 22.31
CA LEU B 81 22.42 16.12 23.24
C LEU B 81 22.00 14.70 22.86
N LEU B 82 20.81 14.57 22.26
CA LEU B 82 20.28 13.26 21.85
C LEU B 82 20.74 12.83 20.45
N LYS B 83 21.14 13.80 19.65
CA LYS B 83 21.56 13.55 18.27
C LYS B 83 22.57 12.44 18.03
N PRO B 84 23.72 12.45 18.76
CA PRO B 84 24.74 11.41 18.57
C PRO B 84 24.16 10.00 18.69
N LEU B 85 23.35 9.80 19.72
CA LEU B 85 22.71 8.53 20.02
C LEU B 85 21.73 8.13 18.91
N LEU B 86 20.90 9.09 18.51
CA LEU B 86 19.89 8.86 17.49
C LEU B 86 20.50 8.50 16.15
N GLU B 87 21.62 9.16 15.81
CA GLU B 87 22.28 8.91 14.54
C GLU B 87 23.27 7.75 14.55
N ASP B 88 23.40 7.09 15.69
CA ASP B 88 24.31 5.96 15.82
C ASP B 88 23.64 4.69 15.32
N GLU B 89 24.13 4.19 14.19
CA GLU B 89 23.62 2.98 13.58
C GLU B 89 23.84 1.81 14.53
N LYS B 90 24.81 1.94 15.43
CA LYS B 90 25.12 0.89 16.38
C LYS B 90 24.11 0.84 17.54
N ALA B 91 23.57 1.99 17.93
CA ALA B 91 22.58 2.05 19.01
C ALA B 91 21.23 1.58 18.45
N LEU B 92 20.84 0.35 18.79
CA LEU B 92 19.60 -0.22 18.29
C LEU B 92 18.33 0.25 18.96
N LYS B 93 17.43 0.80 18.15
CA LYS B 93 16.15 1.31 18.63
C LYS B 93 14.96 0.41 18.25
N VAL B 94 13.95 0.43 19.13
CA VAL B 94 12.71 -0.29 18.96
C VAL B 94 11.61 0.78 18.99
N GLY B 95 10.56 0.59 18.20
CA GLY B 95 9.46 1.53 18.20
C GLY B 95 8.25 0.99 17.46
N GLN B 96 7.09 1.58 17.72
CA GLN B 96 5.84 1.25 17.06
C GLN B 96 5.67 2.29 15.94
N ASN B 97 5.74 1.83 14.69
CA ASN B 97 5.62 2.70 13.50
C ASN B 97 6.75 3.71 13.51
N LEU B 98 7.95 3.19 13.45
CA LEU B 98 9.14 4.00 13.44
C LEU B 98 9.16 4.95 12.26
N LYS B 99 8.37 4.66 11.23
CA LYS B 99 8.32 5.51 10.04
C LYS B 99 8.01 6.94 10.41
N TYR B 100 6.98 7.11 11.21
CA TYR B 100 6.55 8.43 11.66
C TYR B 100 7.65 9.15 12.45
N ASP B 101 8.30 8.39 13.33
CA ASP B 101 9.35 8.89 14.19
C ASP B 101 10.60 9.36 13.44
N ARG B 102 11.06 8.56 12.49
CA ARG B 102 12.25 8.92 11.72
C ARG B 102 11.99 10.28 11.01
N GLY B 103 10.76 10.45 10.51
CA GLY B 103 10.41 11.66 9.81
C GLY B 103 10.45 12.92 10.65
N ILE B 104 9.86 12.86 11.85
CA ILE B 104 9.85 14.00 12.75
C ILE B 104 11.28 14.48 13.02
N LEU B 105 12.21 13.54 13.17
CA LEU B 105 13.59 13.89 13.45
C LEU B 105 14.23 14.56 12.27
N ALA B 106 13.84 14.09 11.09
CA ALA B 106 14.37 14.64 9.84
C ALA B 106 13.92 16.10 9.66
N ASN B 107 12.93 16.52 10.46
CA ASN B 107 12.48 17.90 10.43
C ASN B 107 13.56 18.78 11.11
N TYR B 108 14.47 18.16 11.85
CA TYR B 108 15.51 18.91 12.54
C TYR B 108 16.90 18.57 12.05
N GLY B 109 16.99 17.99 10.87
CA GLY B 109 18.29 17.64 10.33
C GLY B 109 18.98 16.46 11.02
N ILE B 110 18.17 15.64 11.67
CA ILE B 110 18.67 14.46 12.36
C ILE B 110 18.28 13.24 11.54
N GLU B 111 19.26 12.37 11.27
CA GLU B 111 19.02 11.14 10.54
C GLU B 111 18.99 9.92 11.46
N LEU B 112 17.77 9.47 11.80
CA LEU B 112 17.59 8.32 12.68
C LEU B 112 18.14 7.03 12.08
N ARG B 113 19.21 6.51 12.66
CA ARG B 113 19.78 5.25 12.20
C ARG B 113 19.58 4.16 13.26
N GLY B 114 19.96 2.93 12.95
CA GLY B 114 19.78 1.85 13.91
C GLY B 114 18.29 1.57 14.04
N ILE B 115 17.56 1.72 12.93
CA ILE B 115 16.13 1.45 12.92
C ILE B 115 15.96 -0.07 12.83
N ALA B 116 16.19 -0.72 13.96
CA ALA B 116 16.15 -2.18 14.05
C ALA B 116 14.83 -2.90 14.19
N PHE B 117 13.98 -2.46 15.11
CA PHE B 117 12.74 -3.16 15.33
C PHE B 117 11.57 -2.25 15.42
N ASP B 118 10.52 -2.63 14.71
CA ASP B 118 9.31 -1.88 14.68
C ASP B 118 8.30 -2.91 15.13
N THR B 119 7.71 -2.70 16.29
CA THR B 119 6.76 -3.68 16.78
C THR B 119 5.53 -3.87 15.92
N MET B 120 5.23 -2.87 15.10
CA MET B 120 4.09 -2.96 14.20
C MET B 120 4.40 -4.01 13.14
N LEU B 121 5.64 -3.95 12.63
CA LEU B 121 6.07 -4.88 11.62
C LEU B 121 6.38 -6.26 12.19
N GLU B 122 6.77 -6.32 13.45
CA GLU B 122 7.05 -7.61 14.10
C GLU B 122 5.73 -8.37 14.08
N SER B 123 4.69 -7.68 14.53
CA SER B 123 3.36 -8.25 14.58
C SER B 123 2.88 -8.69 13.21
N TYR B 124 3.01 -7.79 12.23
CA TYR B 124 2.59 -8.03 10.85
C TYR B 124 3.25 -9.25 10.18
N ILE B 125 4.54 -9.43 10.41
CA ILE B 125 5.25 -10.57 9.86
C ILE B 125 4.93 -11.88 10.61
N LEU B 126 4.57 -11.76 11.89
CA LEU B 126 4.24 -12.96 12.69
C LEU B 126 2.94 -13.60 12.18
N ASN B 127 1.97 -12.76 11.82
CA ASN B 127 0.68 -13.18 11.28
C ASN B 127 -0.10 -11.94 10.82
N SER B 128 0.08 -11.60 9.54
CA SER B 128 -0.53 -10.42 8.93
C SER B 128 -2.02 -10.31 9.18
N VAL B 129 -2.70 -11.44 9.32
CA VAL B 129 -4.14 -11.37 9.55
C VAL B 129 -4.62 -11.65 10.98
N ALA B 130 -3.70 -11.67 11.94
CA ALA B 130 -4.03 -11.92 13.34
C ALA B 130 -5.02 -10.88 13.85
N GLY B 131 -4.91 -9.68 13.29
CA GLY B 131 -5.78 -8.60 13.70
C GLY B 131 -5.10 -7.27 13.45
N ARG B 132 -5.56 -6.23 14.10
CA ARG B 132 -4.94 -4.92 13.91
C ARG B 132 -3.55 -4.89 14.52
N HIS B 133 -2.62 -4.26 13.83
CA HIS B 133 -1.23 -4.17 14.27
C HIS B 133 -0.78 -2.87 14.96
N ASP B 134 -1.75 -2.10 15.45
CA ASP B 134 -1.47 -0.86 16.17
C ASP B 134 -1.12 -1.23 17.64
N MET B 135 -0.38 -0.35 18.32
CA MET B 135 0.04 -0.63 19.68
C MET B 135 -1.06 -0.94 20.68
N ASP B 136 -2.21 -0.29 20.52
CA ASP B 136 -3.29 -0.51 21.46
C ASP B 136 -3.86 -1.92 21.32
N SER B 137 -3.99 -2.36 20.08
CA SER B 137 -4.51 -3.69 19.82
C SER B 137 -3.47 -4.72 20.24
N LEU B 138 -2.20 -4.42 19.95
CA LEU B 138 -1.10 -5.30 20.31
C LEU B 138 -0.99 -5.51 21.83
N ALA B 139 -0.89 -4.43 22.59
CA ALA B 139 -0.78 -4.50 24.05
C ALA B 139 -1.86 -5.39 24.67
N GLU B 140 -3.07 -5.30 24.15
CA GLU B 140 -4.21 -6.06 24.64
C GLU B 140 -4.14 -7.53 24.30
N ARG B 141 -3.49 -7.83 23.19
CA ARG B 141 -3.35 -9.19 22.67
C ARG B 141 -2.16 -9.94 23.28
N TRP B 142 -1.00 -9.29 23.32
CA TRP B 142 0.19 -9.91 23.85
C TRP B 142 0.49 -9.62 25.33
N LEU B 143 -0.02 -8.50 25.84
CA LEU B 143 0.27 -8.15 27.22
C LEU B 143 -0.99 -8.08 28.07
N LYS B 144 -2.14 -8.38 27.48
CA LYS B 144 -3.40 -8.33 28.22
C LYS B 144 -3.45 -7.03 29.02
N HIS B 145 -3.01 -5.97 28.38
CA HIS B 145 -2.94 -4.65 28.99
C HIS B 145 -3.57 -3.64 28.05
N LYS B 146 -4.42 -2.77 28.59
CA LYS B 146 -5.07 -1.72 27.80
C LYS B 146 -4.31 -0.41 27.97
N THR B 147 -3.75 0.07 26.87
CA THR B 147 -2.98 1.30 26.89
C THR B 147 -3.82 2.57 26.98
N ILE B 148 -3.16 3.67 27.38
CA ILE B 148 -3.82 4.96 27.46
C ILE B 148 -3.99 5.39 26.01
N THR B 149 -5.23 5.73 25.68
CA THR B 149 -5.61 6.14 24.33
C THR B 149 -5.37 7.64 24.12
N PHE B 150 -5.09 8.04 22.89
CA PHE B 150 -4.84 9.45 22.61
C PHE B 150 -6.02 10.32 23.04
N GLU B 151 -7.24 9.81 22.83
CA GLU B 151 -8.48 10.51 23.19
C GLU B 151 -8.54 10.77 24.69
N GLU B 152 -8.06 9.82 25.50
CA GLU B 152 -8.09 9.96 26.96
C GLU B 152 -7.32 11.16 27.48
N ILE B 153 -6.19 11.48 26.83
CA ILE B 153 -5.38 12.61 27.26
C ILE B 153 -5.66 13.90 26.49
N ALA B 154 -6.07 13.77 25.23
CA ALA B 154 -6.33 14.95 24.41
C ALA B 154 -7.81 15.35 24.29
N GLY B 155 -8.69 14.36 24.21
CA GLY B 155 -10.10 14.63 24.06
C GLY B 155 -10.54 14.16 22.69
N LYS B 156 -11.72 14.61 22.28
CA LYS B 156 -12.29 14.25 20.99
C LYS B 156 -12.90 15.48 20.35
N GLY B 157 -13.33 15.33 19.11
CA GLY B 157 -13.97 16.43 18.41
C GLY B 157 -13.06 17.57 18.05
N LYS B 158 -13.68 18.69 17.69
CA LYS B 158 -12.90 19.84 17.31
C LYS B 158 -12.14 20.52 18.46
N ASN B 159 -12.67 20.41 19.69
CA ASN B 159 -11.98 21.00 20.85
C ASN B 159 -10.91 20.08 21.46
N GLN B 160 -10.43 19.12 20.68
CA GLN B 160 -9.40 18.18 21.09
C GLN B 160 -8.10 18.94 21.24
N LEU B 161 -7.31 18.59 22.25
CA LEU B 161 -6.04 19.28 22.47
C LEU B 161 -4.92 18.72 21.64
N THR B 162 -3.92 19.56 21.37
CA THR B 162 -2.71 19.08 20.69
C THR B 162 -1.73 18.77 21.83
N PHE B 163 -0.89 17.77 21.64
CA PHE B 163 0.04 17.35 22.67
C PHE B 163 0.73 18.40 23.52
N ASN B 164 1.07 19.53 22.92
CA ASN B 164 1.75 20.62 23.62
C ASN B 164 0.88 21.37 24.65
N GLN B 165 -0.42 21.08 24.69
CA GLN B 165 -1.36 21.76 25.60
C GLN B 165 -1.72 20.86 26.77
N ILE B 166 -1.17 19.66 26.77
CA ILE B 166 -1.41 18.66 27.80
C ILE B 166 -0.40 18.82 28.92
N ALA B 167 -0.89 18.74 30.15
CA ALA B 167 -0.04 18.88 31.31
C ALA B 167 1.09 17.87 31.19
N LEU B 168 2.26 18.30 31.62
CA LEU B 168 3.49 17.51 31.57
C LEU B 168 3.36 16.07 32.06
N GLU B 169 2.78 15.90 33.24
CA GLU B 169 2.58 14.61 33.84
C GLU B 169 1.56 13.73 33.11
N GLU B 170 0.55 14.34 32.50
CA GLU B 170 -0.42 13.54 31.74
C GLU B 170 0.25 13.14 30.45
N ALA B 171 0.96 14.08 29.86
CA ALA B 171 1.67 13.83 28.61
C ALA B 171 2.68 12.69 28.82
N GLY B 172 3.33 12.69 29.99
CA GLY B 172 4.33 11.69 30.33
C GLY B 172 3.77 10.28 30.50
N ARG B 173 2.62 10.15 31.16
CA ARG B 173 1.98 8.86 31.35
C ARG B 173 1.76 8.21 29.98
N TYR B 174 1.21 8.99 29.05
CA TYR B 174 0.95 8.49 27.71
C TYR B 174 2.23 8.13 26.94
N ALA B 175 3.14 9.09 26.86
CA ALA B 175 4.39 8.93 26.14
C ALA B 175 5.26 7.83 26.68
N ALA B 176 5.52 7.86 27.99
CA ALA B 176 6.35 6.85 28.64
C ALA B 176 5.76 5.44 28.54
N GLU B 177 4.44 5.32 28.61
CA GLU B 177 3.82 4.01 28.46
C GLU B 177 4.03 3.48 27.03
N ASP B 178 3.98 4.38 26.04
CA ASP B 178 4.19 3.99 24.63
C ASP B 178 5.54 3.33 24.53
N ALA B 179 6.53 4.02 25.08
CA ALA B 179 7.91 3.57 25.10
C ALA B 179 8.03 2.20 25.79
N ASP B 180 7.50 2.14 27.01
CA ASP B 180 7.55 0.94 27.83
C ASP B 180 6.84 -0.24 27.18
N VAL B 181 5.59 -0.03 26.79
CA VAL B 181 4.80 -1.07 26.15
C VAL B 181 5.47 -1.56 24.90
N THR B 182 6.02 -0.65 24.10
CA THR B 182 6.70 -1.06 22.87
C THR B 182 7.83 -2.05 23.19
N LEU B 183 8.65 -1.73 24.18
CA LEU B 183 9.75 -2.59 24.58
C LEU B 183 9.24 -3.97 25.00
N GLN B 184 8.18 -4.00 25.80
CA GLN B 184 7.62 -5.28 26.25
C GLN B 184 7.12 -6.14 25.10
N LEU B 185 6.51 -5.49 24.11
CA LEU B 185 5.99 -6.17 22.93
C LEU B 185 7.09 -6.77 22.10
N HIS B 186 8.21 -6.07 22.05
CA HIS B 186 9.38 -6.53 21.31
C HIS B 186 9.95 -7.75 22.01
N LEU B 187 10.00 -7.71 23.33
CA LEU B 187 10.54 -8.80 24.13
C LEU B 187 9.75 -10.09 24.01
N LYS B 188 8.47 -9.98 23.70
CA LYS B 188 7.63 -11.16 23.51
C LYS B 188 7.65 -11.63 22.05
N MET B 189 7.59 -10.68 21.10
CA MET B 189 7.54 -10.99 19.66
C MET B 189 8.84 -11.35 18.98
N TRP B 190 9.92 -10.66 19.32
CA TRP B 190 11.22 -10.91 18.72
C TRP B 190 11.64 -12.38 18.87
N PRO B 191 11.44 -12.97 20.07
CA PRO B 191 11.84 -14.37 20.21
C PRO B 191 11.00 -15.23 19.25
N ASP B 192 9.69 -15.00 19.22
CA ASP B 192 8.78 -15.72 18.35
C ASP B 192 9.12 -15.62 16.87
N LEU B 193 9.60 -14.46 16.45
CA LEU B 193 9.99 -14.23 15.06
C LEU B 193 11.16 -15.09 14.63
N GLN B 194 11.73 -15.85 15.57
CA GLN B 194 12.89 -16.66 15.23
C GLN B 194 12.67 -18.15 15.07
N LYS B 195 11.45 -18.60 15.38
CA LYS B 195 11.10 -19.99 15.24
C LYS B 195 11.03 -20.37 13.74
N HIS B 196 11.07 -19.36 12.86
CA HIS B 196 11.02 -19.61 11.41
C HIS B 196 11.91 -18.69 10.59
N LYS B 197 12.73 -19.29 9.74
CA LYS B 197 13.64 -18.50 8.92
C LYS B 197 12.95 -17.73 7.80
N GLY B 198 11.72 -18.13 7.48
CA GLY B 198 10.95 -17.46 6.44
C GLY B 198 10.57 -16.06 6.90
N PRO B 199 9.66 -15.95 7.87
CA PRO B 199 9.22 -14.66 8.41
C PRO B 199 10.40 -13.81 8.85
N LEU B 200 11.38 -14.45 9.47
CA LEU B 200 12.56 -13.75 9.93
C LEU B 200 13.21 -12.97 8.81
N ASN B 201 13.52 -13.65 7.72
CA ASN B 201 14.17 -13.04 6.57
C ASN B 201 13.41 -11.86 6.03
N VAL B 202 12.11 -12.05 5.84
CA VAL B 202 11.26 -10.99 5.33
C VAL B 202 11.28 -9.73 6.21
N PHE B 203 11.20 -9.93 7.53
CA PHE B 203 11.18 -8.84 8.52
C PHE B 203 12.49 -8.10 8.58
N GLU B 204 13.58 -8.86 8.55
CA GLU B 204 14.92 -8.33 8.63
C GLU B 204 15.45 -7.62 7.41
N ASN B 205 15.31 -8.28 6.27
CA ASN B 205 15.83 -7.73 5.02
C ASN B 205 14.86 -7.01 4.13
N ILE B 206 13.57 -7.25 4.34
CA ILE B 206 12.58 -6.58 3.53
C ILE B 206 11.82 -5.48 4.28
N GLU B 207 11.09 -5.86 5.32
CA GLU B 207 10.31 -4.88 6.05
C GLU B 207 11.09 -3.79 6.79
N MET B 208 12.04 -4.15 7.63
CA MET B 208 12.77 -3.14 8.39
C MET B 208 13.51 -2.08 7.59
N PRO B 209 14.28 -2.51 6.57
CA PRO B 209 15.00 -1.51 5.77
C PRO B 209 14.06 -0.57 5.01
N LEU B 210 12.82 -1.03 4.78
CA LEU B 210 11.83 -0.23 4.07
C LEU B 210 11.24 0.93 4.89
N VAL B 211 11.31 0.84 6.22
CA VAL B 211 10.79 1.88 7.10
C VAL B 211 11.29 3.29 6.74
N PRO B 212 12.62 3.47 6.64
CA PRO B 212 13.10 4.83 6.29
C PRO B 212 12.86 5.22 4.83
N VAL B 213 12.68 4.24 3.92
CA VAL B 213 12.42 4.58 2.52
C VAL B 213 11.00 5.09 2.38
N LEU B 214 10.05 4.46 3.07
CA LEU B 214 8.67 4.92 3.03
C LEU B 214 8.63 6.34 3.57
N SER B 215 9.31 6.57 4.68
CA SER B 215 9.34 7.91 5.26
C SER B 215 9.79 8.97 4.24
N ARG B 216 10.88 8.68 3.53
CA ARG B 216 11.44 9.60 2.55
C ARG B 216 10.53 9.78 1.34
N ILE B 217 9.81 8.73 0.96
CA ILE B 217 8.88 8.78 -0.18
C ILE B 217 7.67 9.64 0.21
N GLU B 218 7.18 9.46 1.44
CA GLU B 218 6.03 10.20 1.96
C GLU B 218 6.31 11.67 2.13
N ARG B 219 7.48 11.97 2.69
CA ARG B 219 7.90 13.35 2.91
C ARG B 219 8.25 14.06 1.63
N ASN B 220 8.76 13.32 0.65
CA ASN B 220 9.11 13.89 -0.64
C ASN B 220 7.83 14.44 -1.28
N GLY B 221 6.80 13.61 -1.24
CA GLY B 221 5.52 13.98 -1.81
C GLY B 221 5.52 13.94 -3.33
N VAL B 222 4.39 14.38 -3.89
CA VAL B 222 4.15 14.45 -5.33
C VAL B 222 3.55 15.83 -5.69
N LYS B 223 4.11 16.47 -6.71
CA LYS B 223 3.65 17.78 -7.19
C LYS B 223 2.35 17.61 -8.00
N ILE B 224 1.28 18.25 -7.54
CA ILE B 224 -0.01 18.19 -8.22
C ILE B 224 -0.46 19.56 -8.73
N ASP B 225 -0.77 19.64 -10.03
CA ASP B 225 -1.23 20.90 -10.60
C ASP B 225 -2.71 21.03 -10.26
N PRO B 226 -3.06 21.96 -9.35
CA PRO B 226 -4.46 22.10 -8.99
C PRO B 226 -5.29 22.79 -10.07
N LYS B 227 -4.66 23.57 -10.95
CA LYS B 227 -5.38 24.27 -12.03
C LYS B 227 -6.01 23.21 -12.89
N VAL B 228 -5.18 22.30 -13.38
CA VAL B 228 -5.62 21.20 -14.22
C VAL B 228 -6.79 20.51 -13.55
N LEU B 229 -6.62 20.16 -12.29
CA LEU B 229 -7.63 19.47 -11.51
C LEU B 229 -8.91 20.27 -11.45
N HIS B 230 -8.77 21.57 -11.35
CA HIS B 230 -9.93 22.43 -11.30
C HIS B 230 -10.65 22.51 -12.64
N ASN B 231 -9.90 22.60 -13.74
CA ASN B 231 -10.49 22.67 -15.07
C ASN B 231 -11.32 21.43 -15.25
N HIS B 232 -10.65 20.28 -15.07
CA HIS B 232 -11.25 18.95 -15.19
C HIS B 232 -12.52 18.89 -14.34
N SER B 233 -12.51 19.63 -13.25
CA SER B 233 -13.66 19.67 -12.34
C SER B 233 -14.80 20.39 -13.05
N GLU B 234 -14.52 21.59 -13.56
CA GLU B 234 -15.51 22.41 -14.25
C GLU B 234 -16.06 21.67 -15.47
N GLU B 235 -15.19 21.00 -16.21
CA GLU B 235 -15.60 20.25 -17.39
C GLU B 235 -16.49 19.06 -17.04
N LEU B 236 -16.21 18.43 -15.90
CA LEU B 236 -16.97 17.28 -15.44
C LEU B 236 -18.35 17.64 -14.94
N THR B 237 -18.55 18.91 -14.60
CA THR B 237 -19.86 19.39 -14.16
C THR B 237 -20.72 19.58 -15.42
N LEU B 238 -20.09 20.14 -16.46
CA LEU B 238 -20.73 20.37 -17.75
C LEU B 238 -21.10 19.04 -18.43
N ARG B 239 -20.21 18.05 -18.31
CA ARG B 239 -20.46 16.73 -18.90
C ARG B 239 -21.52 15.96 -18.12
N LEU B 240 -21.59 16.17 -16.80
CA LEU B 240 -22.59 15.49 -15.98
C LEU B 240 -23.97 16.05 -16.29
N ALA B 241 -24.02 17.35 -16.58
CA ALA B 241 -25.27 18.04 -16.92
C ALA B 241 -25.79 17.53 -18.28
N GLU B 242 -24.87 17.44 -19.27
CA GLU B 242 -25.18 16.95 -20.62
C GLU B 242 -25.70 15.51 -20.63
N LEU B 243 -25.03 14.64 -19.87
CA LEU B 243 -25.40 13.22 -19.78
C LEU B 243 -26.76 13.05 -19.15
N GLU B 244 -27.12 13.98 -18.27
CA GLU B 244 -28.40 13.91 -17.59
C GLU B 244 -29.48 14.30 -18.60
N LYS B 245 -29.14 15.25 -19.47
CA LYS B 245 -30.06 15.69 -20.51
C LYS B 245 -30.22 14.57 -21.54
N LYS B 246 -29.11 13.93 -21.90
CA LYS B 246 -29.15 12.83 -22.84
C LYS B 246 -29.98 11.65 -22.33
N ALA B 247 -29.99 11.46 -21.02
CA ALA B 247 -30.77 10.38 -20.43
C ALA B 247 -32.25 10.75 -20.52
N HIS B 248 -32.60 11.97 -20.11
CA HIS B 248 -33.98 12.43 -20.16
C HIS B 248 -34.53 12.41 -21.59
N GLU B 249 -33.70 12.86 -22.53
CA GLU B 249 -34.03 12.92 -23.98
C GLU B 249 -34.30 11.57 -24.64
N ILE B 250 -33.74 10.51 -24.09
CA ILE B 250 -33.94 9.16 -24.63
C ILE B 250 -35.35 8.66 -24.31
N ALA B 251 -35.83 9.00 -23.12
CA ALA B 251 -37.17 8.63 -22.68
C ALA B 251 -37.95 9.94 -22.50
N GLY B 252 -38.62 10.10 -21.36
CA GLY B 252 -39.34 11.34 -21.12
C GLY B 252 -39.04 11.75 -19.70
N GLU B 253 -39.66 12.84 -19.26
CA GLU B 253 -39.52 13.35 -17.89
C GLU B 253 -38.11 13.34 -17.26
N GLU B 254 -38.06 13.83 -16.02
CA GLU B 254 -36.83 13.90 -15.23
C GLU B 254 -36.79 12.72 -14.27
N PHE B 255 -35.59 12.39 -13.81
CA PHE B 255 -35.40 11.30 -12.86
C PHE B 255 -33.94 11.21 -12.41
N ASN B 256 -33.71 10.49 -11.32
CA ASN B 256 -32.35 10.31 -10.82
C ASN B 256 -31.70 9.19 -11.59
N LEU B 257 -30.36 9.17 -11.58
CA LEU B 257 -29.66 8.12 -12.29
C LEU B 257 -29.29 6.97 -11.35
N SER B 258 -30.28 6.62 -10.51
CA SER B 258 -30.21 5.56 -9.52
C SER B 258 -31.05 4.33 -9.90
N SER B 259 -30.42 3.16 -9.94
CA SER B 259 -31.15 1.92 -10.27
C SER B 259 -32.08 1.55 -9.11
N THR B 260 -32.76 0.41 -9.23
CA THR B 260 -33.75 -0.05 -8.22
C THR B 260 -34.65 1.06 -7.67
N LYS B 261 -34.93 2.03 -8.55
CA LYS B 261 -35.79 3.17 -8.24
C LYS B 261 -36.32 3.87 -9.48
N GLN B 262 -35.45 4.54 -10.22
CA GLN B 262 -35.87 5.30 -11.42
C GLN B 262 -35.47 4.68 -12.77
N LEU B 263 -34.52 3.74 -12.75
CA LEU B 263 -34.03 3.10 -13.96
C LEU B 263 -34.89 1.94 -14.50
N GLN B 264 -35.23 1.02 -13.58
CA GLN B 264 -36.03 -0.17 -13.88
C GLN B 264 -37.39 0.25 -14.46
N THR B 265 -38.00 1.32 -13.93
CA THR B 265 -39.30 1.86 -14.34
C THR B 265 -39.28 2.45 -15.76
N ILE B 266 -38.07 2.57 -16.32
CA ILE B 266 -37.88 3.08 -17.67
C ILE B 266 -37.36 1.96 -18.56
N LEU B 267 -36.12 1.55 -18.28
CA LEU B 267 -35.36 0.51 -19.00
C LEU B 267 -36.10 -0.76 -19.44
N PHE B 268 -36.73 -1.46 -18.50
CA PHE B 268 -37.44 -2.70 -18.79
C PHE B 268 -38.90 -2.44 -19.15
N GLU B 269 -39.40 -1.29 -18.72
CA GLU B 269 -40.77 -0.88 -19.02
C GLU B 269 -40.89 -0.49 -20.50
N LYS B 270 -39.73 -0.29 -21.15
CA LYS B 270 -39.63 0.06 -22.57
C LYS B 270 -38.85 -1.04 -23.30
N GLN B 271 -38.98 -2.27 -22.81
CA GLN B 271 -38.33 -3.49 -23.30
C GLN B 271 -36.92 -3.75 -22.74
N GLY B 272 -36.71 -4.98 -22.32
CA GLY B 272 -35.47 -5.44 -21.72
C GLY B 272 -35.95 -6.47 -20.70
N ILE B 273 -35.10 -6.89 -19.77
CA ILE B 273 -35.57 -7.87 -18.80
C ILE B 273 -35.36 -7.48 -17.33
N LYS B 274 -36.49 -7.42 -16.61
CA LYS B 274 -36.66 -7.08 -15.18
C LYS B 274 -35.59 -6.76 -14.10
N PRO B 275 -34.62 -7.68 -13.80
CA PRO B 275 -33.59 -7.37 -12.77
C PRO B 275 -32.77 -6.07 -12.93
N LEU B 276 -32.10 -5.64 -11.87
CA LEU B 276 -31.29 -4.41 -11.93
C LEU B 276 -29.79 -4.75 -12.05
N LYS B 277 -28.91 -3.77 -11.84
CA LYS B 277 -27.47 -3.99 -11.92
C LYS B 277 -26.74 -3.26 -10.80
N LYS B 278 -26.16 -4.04 -9.89
CA LYS B 278 -25.44 -3.53 -8.73
C LYS B 278 -24.19 -2.69 -9.04
N THR B 279 -24.00 -1.62 -8.27
CA THR B 279 -22.85 -0.72 -8.42
C THR B 279 -21.69 -1.17 -7.52
N PRO B 284 -20.44 -9.37 -6.90
CA PRO B 284 -21.82 -9.12 -7.39
C PRO B 284 -21.85 -8.15 -8.58
N SER B 285 -21.05 -7.08 -8.48
CA SER B 285 -20.96 -6.04 -9.51
C SER B 285 -19.97 -6.39 -10.64
N THR B 286 -18.74 -6.77 -10.27
CA THR B 286 -17.72 -7.14 -11.25
C THR B 286 -17.86 -8.62 -11.66
N SER B 287 -19.12 -9.05 -11.84
CA SER B 287 -19.47 -10.42 -12.22
C SER B 287 -20.74 -10.40 -13.09
N GLU B 288 -21.64 -9.46 -12.81
CA GLU B 288 -22.90 -9.30 -13.54
C GLU B 288 -23.33 -7.83 -13.61
N GLU B 289 -22.91 -7.16 -14.68
CA GLU B 289 -23.26 -5.76 -14.88
C GLU B 289 -24.24 -5.64 -16.06
N VAL B 290 -25.51 -5.93 -15.75
CA VAL B 290 -26.64 -5.90 -16.70
C VAL B 290 -26.66 -4.66 -17.60
N LEU B 291 -26.27 -3.52 -17.02
CA LEU B 291 -26.26 -2.24 -17.70
C LEU B 291 -25.31 -2.16 -18.91
N GLU B 292 -24.12 -2.73 -18.78
CA GLU B 292 -23.18 -2.68 -19.90
C GLU B 292 -23.38 -3.75 -20.98
N GLU B 293 -24.27 -4.70 -20.73
CA GLU B 293 -24.57 -5.75 -21.71
C GLU B 293 -25.44 -5.08 -22.79
N LEU B 294 -26.46 -4.39 -22.31
CA LEU B 294 -27.40 -3.65 -23.14
C LEU B 294 -26.63 -2.59 -23.91
N ALA B 295 -25.61 -2.05 -23.25
CA ALA B 295 -24.75 -1.01 -23.81
C ALA B 295 -24.17 -1.32 -25.20
N LEU B 296 -24.21 -2.59 -25.61
CA LEU B 296 -23.69 -2.98 -26.93
C LEU B 296 -24.62 -2.52 -28.05
N ASP B 297 -25.90 -2.40 -27.73
CA ASP B 297 -26.94 -1.97 -28.68
C ASP B 297 -27.83 -0.86 -28.10
N TYR B 298 -28.29 -1.05 -26.85
CA TYR B 298 -29.13 -0.07 -26.13
C TYR B 298 -28.32 1.17 -25.74
N PRO B 299 -28.87 2.36 -26.04
CA PRO B 299 -28.23 3.65 -25.72
C PRO B 299 -28.37 4.16 -24.28
N LEU B 300 -29.59 4.16 -23.73
CA LEU B 300 -29.81 4.67 -22.37
C LEU B 300 -28.91 4.11 -21.26
N PRO B 301 -28.86 2.77 -21.13
CA PRO B 301 -28.01 2.18 -20.08
C PRO B 301 -26.54 2.61 -20.22
N LYS B 302 -26.12 2.84 -21.46
CA LYS B 302 -24.76 3.26 -21.78
C LYS B 302 -24.47 4.62 -21.14
N VAL B 303 -25.39 5.57 -21.28
CA VAL B 303 -25.21 6.91 -20.70
C VAL B 303 -25.29 6.94 -19.17
N ILE B 304 -26.03 6.01 -18.57
CA ILE B 304 -26.14 5.94 -17.11
C ILE B 304 -24.87 5.34 -16.54
N LEU B 305 -24.30 4.42 -17.31
CA LEU B 305 -23.07 3.74 -16.95
C LEU B 305 -21.98 4.81 -16.83
N GLU B 306 -21.71 5.46 -17.96
CA GLU B 306 -20.68 6.50 -18.04
C GLU B 306 -20.94 7.71 -17.13
N TYR B 307 -22.18 7.88 -16.69
CA TYR B 307 -22.52 8.98 -15.80
C TYR B 307 -21.96 8.74 -14.41
N ARG B 308 -22.46 7.68 -13.77
CA ARG B 308 -22.07 7.28 -12.42
C ARG B 308 -20.56 7.33 -12.23
N GLY B 309 -19.85 6.70 -13.16
CA GLY B 309 -18.41 6.66 -13.11
C GLY B 309 -17.80 8.03 -13.02
N LEU B 310 -18.26 8.96 -13.86
CA LEU B 310 -17.75 10.32 -13.84
C LEU B 310 -18.07 11.02 -12.51
N ALA B 311 -19.27 10.77 -11.97
CA ALA B 311 -19.67 11.38 -10.70
C ALA B 311 -18.80 10.91 -9.53
N LYS B 312 -18.43 9.62 -9.53
CA LYS B 312 -17.58 9.01 -8.50
C LYS B 312 -16.20 9.69 -8.53
N LEU B 313 -15.57 9.58 -9.70
CA LEU B 313 -14.25 10.13 -9.98
C LEU B 313 -14.12 11.62 -9.64
N LYS B 314 -15.16 12.41 -9.90
CA LYS B 314 -15.12 13.83 -9.63
C LYS B 314 -14.96 14.16 -8.15
N SER B 315 -15.85 13.62 -7.32
CA SER B 315 -15.78 13.91 -5.89
C SER B 315 -14.61 13.21 -5.21
N THR B 316 -14.18 12.10 -5.79
CA THR B 316 -13.08 11.33 -5.23
C THR B 316 -11.70 11.92 -5.43
N TYR B 317 -11.38 12.37 -6.64
CA TYR B 317 -10.06 12.90 -6.88
C TYR B 317 -10.03 14.34 -7.31
N THR B 318 -10.83 14.67 -8.31
CA THR B 318 -10.83 16.03 -8.84
C THR B 318 -11.12 17.09 -7.79
N ASP B 319 -12.04 16.79 -6.89
CA ASP B 319 -12.39 17.74 -5.82
C ASP B 319 -11.57 17.56 -4.56
N LYS B 320 -11.13 16.34 -4.32
CA LYS B 320 -10.36 16.03 -3.12
C LYS B 320 -8.91 16.41 -3.23
N LEU B 321 -8.25 15.92 -4.27
CA LEU B 321 -6.85 16.16 -4.52
C LEU B 321 -6.29 17.56 -4.22
N PRO B 322 -6.83 18.63 -4.84
CA PRO B 322 -6.33 20.00 -4.60
C PRO B 322 -6.36 20.44 -3.14
N LEU B 323 -7.21 19.79 -2.34
CA LEU B 323 -7.33 20.12 -0.94
C LEU B 323 -6.30 19.38 -0.06
N MET B 324 -5.55 18.48 -0.68
CA MET B 324 -4.54 17.72 0.04
C MET B 324 -3.19 18.36 -0.08
N ILE B 325 -3.10 19.44 -0.85
CA ILE B 325 -1.83 20.11 -1.02
C ILE B 325 -1.43 20.70 0.32
N ASN B 326 -0.17 20.45 0.68
CA ASN B 326 0.40 20.91 1.94
C ASN B 326 0.94 22.32 1.80
N PRO B 327 0.43 23.26 2.59
CA PRO B 327 0.86 24.66 2.57
C PRO B 327 2.36 24.79 2.73
N LYS B 328 2.95 23.87 3.49
CA LYS B 328 4.39 23.92 3.76
C LYS B 328 5.29 23.45 2.61
N THR B 329 4.82 22.46 1.86
CA THR B 329 5.64 21.94 0.77
C THR B 329 5.06 22.28 -0.58
N GLY B 330 3.75 22.44 -0.62
CA GLY B 330 3.07 22.72 -1.87
C GLY B 330 2.93 21.44 -2.69
N ARG B 331 3.12 20.31 -2.03
CA ARG B 331 2.99 19.01 -2.70
C ARG B 331 2.04 18.15 -1.86
N VAL B 332 1.59 17.05 -2.44
CA VAL B 332 0.69 16.13 -1.77
C VAL B 332 1.51 14.98 -1.18
N HIS B 333 1.26 14.66 0.07
CA HIS B 333 1.99 13.58 0.75
C HIS B 333 1.05 12.47 1.10
N THR B 334 1.05 11.42 0.29
CA THR B 334 0.16 10.30 0.50
C THR B 334 0.64 9.45 1.68
N SER B 335 -0.28 8.70 2.28
CA SER B 335 0.05 7.83 3.39
C SER B 335 0.13 6.37 2.96
N TYR B 336 1.33 5.81 2.97
CA TYR B 336 1.51 4.41 2.66
C TYR B 336 1.38 3.61 3.98
N HIS B 337 0.73 2.46 3.91
CA HIS B 337 0.52 1.60 5.09
C HIS B 337 1.27 0.31 4.88
N GLN B 338 2.25 0.04 5.75
CA GLN B 338 3.07 -1.15 5.59
C GLN B 338 2.55 -2.42 6.18
N ALA B 339 1.71 -2.30 7.19
CA ALA B 339 1.16 -3.46 7.88
C ALA B 339 -0.35 -3.54 7.78
N VAL B 340 -0.87 -3.47 6.55
CA VAL B 340 -2.31 -3.54 6.36
C VAL B 340 -2.80 -4.69 5.50
N THR B 341 -2.15 -4.95 4.36
CA THR B 341 -2.62 -6.04 3.50
C THR B 341 -2.29 -7.41 4.06
N ALA B 342 -3.09 -8.39 3.66
CA ALA B 342 -2.91 -9.77 4.10
C ALA B 342 -1.77 -10.45 3.36
N THR B 343 -1.58 -10.04 2.12
CA THR B 343 -0.56 -10.61 1.26
C THR B 343 0.80 -9.97 1.37
N GLY B 344 0.86 -8.74 1.90
CA GLY B 344 2.13 -8.04 2.06
C GLY B 344 2.42 -6.84 1.16
N ARG B 345 1.47 -6.50 0.28
CA ARG B 345 1.62 -5.37 -0.63
C ARG B 345 1.31 -4.09 0.14
N LEU B 346 2.01 -3.01 -0.21
CA LEU B 346 1.76 -1.73 0.45
C LEU B 346 0.42 -1.20 -0.06
N SER B 347 -0.33 -0.62 0.86
CA SER B 347 -1.59 0.00 0.52
C SER B 347 -1.31 1.50 0.60
N SER B 348 -2.32 2.31 0.28
CA SER B 348 -2.16 3.74 0.24
C SER B 348 -3.50 4.41 0.57
N THR B 349 -3.44 5.64 1.09
CA THR B 349 -4.64 6.43 1.39
C THR B 349 -4.27 7.90 1.31
N ASP B 350 -5.30 8.76 1.25
CA ASP B 350 -5.18 10.21 1.21
C ASP B 350 -4.01 10.77 0.39
N PRO B 351 -4.00 10.51 -0.92
CA PRO B 351 -5.04 9.75 -1.63
C PRO B 351 -4.66 8.29 -1.86
N ASN B 352 -5.67 7.48 -2.16
CA ASN B 352 -5.48 6.08 -2.47
C ASN B 352 -5.14 6.06 -3.96
N LEU B 353 -3.87 6.17 -4.25
CA LEU B 353 -3.37 6.16 -5.61
C LEU B 353 -3.84 4.92 -6.38
N GLN B 354 -4.02 3.80 -5.67
CA GLN B 354 -4.42 2.57 -6.34
C GLN B 354 -5.83 2.49 -6.89
N ASN B 355 -6.68 3.45 -6.54
CA ASN B 355 -8.05 3.47 -7.07
C ASN B 355 -8.24 4.44 -8.24
N ILE B 356 -7.16 5.06 -8.69
CA ILE B 356 -7.19 5.99 -9.82
C ILE B 356 -7.24 5.10 -11.06
N PRO B 357 -8.39 5.06 -11.77
CA PRO B 357 -8.58 4.24 -12.97
C PRO B 357 -7.39 4.18 -13.91
N VAL B 358 -7.04 2.96 -14.36
CA VAL B 358 -5.90 2.79 -15.27
C VAL B 358 -6.39 2.71 -16.71
N ARG B 359 -7.09 1.63 -17.05
CA ARG B 359 -7.62 1.48 -18.40
C ARG B 359 -8.99 2.15 -18.46
N ASN B 360 -8.91 3.47 -18.64
CA ASN B 360 -10.05 4.39 -18.72
C ASN B 360 -9.40 5.72 -19.06
N GLU B 361 -10.05 6.53 -19.89
CA GLU B 361 -9.48 7.81 -20.27
C GLU B 361 -9.46 8.86 -19.15
N GLU B 362 -10.53 8.92 -18.37
CA GLU B 362 -10.62 9.91 -17.29
C GLU B 362 -9.56 9.77 -16.20
N GLY B 363 -9.18 8.52 -15.92
CA GLY B 363 -8.15 8.27 -14.94
C GLY B 363 -6.87 8.87 -15.47
N ARG B 364 -6.68 8.76 -16.79
CA ARG B 364 -5.50 9.29 -17.47
C ARG B 364 -5.39 10.80 -17.25
N ARG B 365 -6.53 11.48 -17.17
CA ARG B 365 -6.50 12.93 -16.95
C ARG B 365 -6.14 13.25 -15.52
N ILE B 366 -6.53 12.36 -14.59
CA ILE B 366 -6.19 12.54 -13.19
C ILE B 366 -4.67 12.54 -13.18
N ARG B 367 -4.08 11.47 -13.73
CA ARG B 367 -2.62 11.31 -13.80
C ARG B 367 -1.84 12.45 -14.44
N GLN B 368 -2.45 13.15 -15.40
CA GLN B 368 -1.79 14.26 -16.09
C GLN B 368 -1.56 15.40 -15.11
N ALA B 369 -2.34 15.42 -14.02
CA ALA B 369 -2.23 16.45 -12.97
C ALA B 369 -1.03 16.18 -12.04
N PHE B 370 -0.44 14.99 -12.15
CA PHE B 370 0.73 14.63 -11.37
C PHE B 370 1.93 15.06 -12.22
N ILE B 371 2.40 16.27 -11.95
CA ILE B 371 3.50 16.89 -12.71
C ILE B 371 4.89 17.01 -12.10
N ALA B 372 5.86 17.11 -13.00
CA ALA B 372 7.25 17.25 -12.65
C ALA B 372 7.65 18.74 -12.49
N PRO B 373 8.41 19.08 -11.44
CA PRO B 373 8.80 20.50 -11.30
C PRO B 373 9.66 20.99 -12.47
N GLU B 374 9.99 22.29 -12.45
CA GLU B 374 10.78 22.88 -13.52
C GLU B 374 12.12 22.17 -13.68
N ASP B 375 12.43 21.83 -14.93
CA ASP B 375 13.67 21.15 -15.33
C ASP B 375 13.79 19.69 -14.91
N TYR B 376 12.66 19.08 -14.58
CA TYR B 376 12.62 17.67 -14.19
C TYR B 376 11.52 16.99 -14.98
N VAL B 377 11.51 15.65 -14.94
CA VAL B 377 10.48 14.87 -15.62
C VAL B 377 10.04 13.72 -14.71
N ILE B 378 8.83 13.22 -14.96
CA ILE B 378 8.33 12.11 -14.20
C ILE B 378 8.82 10.88 -14.93
N VAL B 379 9.39 9.94 -14.18
CA VAL B 379 9.87 8.70 -14.77
C VAL B 379 9.12 7.51 -14.16
N SER B 380 8.57 6.65 -15.01
CA SER B 380 7.82 5.49 -14.54
C SER B 380 8.50 4.13 -14.80
N ALA B 381 8.83 3.41 -13.72
CA ALA B 381 9.45 2.09 -13.81
C ALA B 381 8.43 1.05 -13.38
N ASP B 382 8.04 0.18 -14.30
CA ASP B 382 7.00 -0.82 -14.02
C ASP B 382 7.45 -2.26 -14.23
N TYR B 383 6.93 -3.18 -13.42
CA TYR B 383 7.24 -4.59 -13.56
C TYR B 383 6.15 -5.19 -14.45
N SER B 384 6.46 -5.37 -15.73
CA SER B 384 5.51 -5.94 -16.69
C SER B 384 5.00 -7.29 -16.23
N GLN B 385 3.71 -7.31 -15.91
CA GLN B 385 2.99 -8.49 -15.44
C GLN B 385 3.88 -9.42 -14.62
N ILE B 386 4.41 -8.84 -13.56
CA ILE B 386 5.29 -9.54 -12.65
C ILE B 386 4.61 -10.77 -12.06
N GLU B 387 3.35 -10.65 -11.67
CA GLU B 387 2.59 -11.77 -11.08
C GLU B 387 2.40 -12.96 -12.01
N LEU B 388 2.34 -12.68 -13.31
CA LEU B 388 2.18 -13.72 -14.33
C LEU B 388 3.55 -14.39 -14.46
N ARG B 389 4.59 -13.58 -14.38
CA ARG B 389 5.95 -14.09 -14.44
C ARG B 389 6.19 -14.94 -13.19
N ILE B 390 5.60 -14.53 -12.06
CA ILE B 390 5.77 -15.27 -10.83
C ILE B 390 5.09 -16.63 -10.93
N MET B 391 3.90 -16.66 -11.50
CA MET B 391 3.17 -17.93 -11.66
C MET B 391 3.92 -18.89 -12.56
N ALA B 392 4.56 -18.36 -13.61
CA ALA B 392 5.30 -19.21 -14.53
C ALA B 392 6.39 -19.94 -13.76
N HIS B 393 7.12 -19.18 -12.94
CA HIS B 393 8.22 -19.70 -12.11
C HIS B 393 7.74 -20.77 -11.10
N LEU B 394 6.72 -20.42 -10.32
CA LEU B 394 6.14 -21.28 -9.30
C LEU B 394 5.45 -22.53 -9.82
N SER B 395 5.16 -22.56 -11.11
CA SER B 395 4.51 -23.70 -11.71
C SER B 395 5.48 -24.45 -12.59
N ARG B 396 6.72 -23.95 -12.65
CA ARG B 396 7.80 -24.55 -13.43
C ARG B 396 7.41 -24.95 -14.85
N ASP B 397 6.52 -24.16 -15.46
CA ASP B 397 6.05 -24.43 -16.82
C ASP B 397 7.02 -23.92 -17.89
N LYS B 398 7.58 -24.84 -18.68
CA LYS B 398 8.51 -24.51 -19.75
C LYS B 398 7.82 -23.65 -20.81
N GLY B 399 6.52 -23.85 -20.99
CA GLY B 399 5.75 -23.08 -21.96
C GLY B 399 5.77 -21.62 -21.59
N LEU B 400 5.19 -21.31 -20.44
CA LEU B 400 5.13 -19.94 -19.95
C LEU B 400 6.53 -19.35 -19.85
N LEU B 401 7.41 -20.05 -19.16
CA LEU B 401 8.77 -19.57 -19.01
C LEU B 401 9.40 -19.23 -20.36
N THR B 402 9.17 -20.07 -21.37
CA THR B 402 9.75 -19.78 -22.68
C THR B 402 9.09 -18.58 -23.37
N ALA B 403 7.78 -18.45 -23.22
CA ALA B 403 7.08 -17.32 -23.82
C ALA B 403 7.78 -16.02 -23.39
N PHE B 404 7.97 -15.85 -22.08
CA PHE B 404 8.64 -14.67 -21.55
C PHE B 404 10.12 -14.63 -21.95
N ALA B 405 10.75 -15.81 -22.00
CA ALA B 405 12.15 -15.98 -22.33
C ALA B 405 12.54 -15.34 -23.65
N GLU B 406 11.65 -15.47 -24.63
CA GLU B 406 11.86 -14.92 -25.97
C GLU B 406 11.03 -13.66 -26.28
N GLY B 407 10.64 -12.96 -25.22
CA GLY B 407 9.90 -11.72 -25.34
C GLY B 407 8.53 -11.74 -25.97
N LYS B 408 7.82 -12.85 -25.87
CA LYS B 408 6.49 -12.88 -26.47
C LYS B 408 5.38 -12.52 -25.50
N ASP B 409 4.34 -11.91 -26.07
CA ASP B 409 3.14 -11.45 -25.38
C ASP B 409 2.48 -12.71 -24.80
N ILE B 410 2.67 -13.00 -23.52
CA ILE B 410 2.09 -14.22 -22.94
C ILE B 410 0.63 -14.45 -23.21
N HIS B 411 -0.15 -13.39 -23.38
CA HIS B 411 -1.56 -13.57 -23.64
C HIS B 411 -1.80 -14.17 -25.03
N ARG B 412 -1.00 -13.76 -26.00
CA ARG B 412 -1.09 -14.28 -27.35
C ARG B 412 -0.39 -15.66 -27.46
N ALA B 413 0.63 -15.91 -26.65
CA ALA B 413 1.30 -17.22 -26.66
C ALA B 413 0.34 -18.24 -26.07
N THR B 414 -0.27 -17.86 -24.95
CA THR B 414 -1.24 -18.68 -24.25
C THR B 414 -2.39 -19.07 -25.16
N ALA B 415 -2.94 -18.10 -25.88
CA ALA B 415 -4.04 -18.35 -26.78
C ALA B 415 -3.57 -19.17 -27.96
N ALA B 416 -2.34 -18.91 -28.41
CA ALA B 416 -1.78 -19.62 -29.55
C ALA B 416 -1.69 -21.11 -29.26
N GLU B 417 -1.52 -21.46 -27.99
CA GLU B 417 -1.44 -22.86 -27.57
C GLU B 417 -2.78 -23.44 -27.15
N VAL B 418 -3.58 -22.64 -26.44
CA VAL B 418 -4.91 -23.07 -25.97
C VAL B 418 -5.89 -23.26 -27.13
N PHE B 419 -5.86 -22.36 -28.09
CA PHE B 419 -6.75 -22.42 -29.25
C PHE B 419 -6.10 -23.14 -30.44
N GLY B 420 -4.81 -23.43 -30.32
CA GLY B 420 -4.09 -24.14 -31.36
C GLY B 420 -3.93 -23.44 -32.70
N LEU B 421 -3.21 -22.32 -32.74
CA LEU B 421 -3.00 -21.58 -33.97
C LEU B 421 -1.72 -20.78 -33.91
N PRO B 422 -1.18 -20.37 -35.07
CA PRO B 422 0.06 -19.58 -35.08
C PRO B 422 -0.12 -18.30 -34.25
N LEU B 423 0.98 -17.86 -33.66
CA LEU B 423 0.99 -16.67 -32.82
C LEU B 423 0.63 -15.41 -33.59
N GLU B 424 1.11 -15.27 -34.82
CA GLU B 424 0.80 -14.05 -35.56
C GLU B 424 -0.65 -13.95 -35.96
N THR B 425 -1.40 -15.07 -35.89
CA THR B 425 -2.81 -15.02 -36.26
C THR B 425 -3.79 -14.90 -35.10
N VAL B 426 -3.31 -15.01 -33.87
CA VAL B 426 -4.25 -14.93 -32.74
C VAL B 426 -5.07 -13.63 -32.79
N THR B 427 -6.39 -13.78 -32.71
CA THR B 427 -7.34 -12.66 -32.75
C THR B 427 -7.46 -11.93 -31.41
N SER B 428 -8.04 -10.73 -31.43
CA SER B 428 -8.18 -9.95 -30.22
C SER B 428 -9.12 -10.60 -29.22
N GLU B 429 -10.12 -11.30 -29.72
CA GLU B 429 -11.09 -11.97 -28.87
C GLU B 429 -10.46 -13.21 -28.19
N GLN B 430 -9.50 -13.81 -28.89
CA GLN B 430 -8.78 -14.97 -28.38
C GLN B 430 -7.77 -14.52 -27.36
N ARG B 431 -7.03 -13.46 -27.68
CA ARG B 431 -6.04 -12.90 -26.77
C ARG B 431 -6.76 -12.47 -25.51
N ARG B 432 -7.97 -11.97 -25.68
CA ARG B 432 -8.80 -11.52 -24.57
C ARG B 432 -9.36 -12.70 -23.74
N SER B 433 -9.59 -13.86 -24.37
CA SER B 433 -10.10 -15.03 -23.66
C SER B 433 -8.99 -15.67 -22.82
N ALA B 434 -7.78 -15.67 -23.39
CA ALA B 434 -6.58 -16.21 -22.78
C ALA B 434 -6.17 -15.42 -21.55
N LYS B 435 -6.24 -14.09 -21.68
CA LYS B 435 -5.91 -13.14 -20.62
C LYS B 435 -6.89 -13.28 -19.45
N ALA B 436 -8.15 -13.53 -19.75
CA ALA B 436 -9.15 -13.71 -18.70
C ALA B 436 -8.84 -14.98 -17.91
N ILE B 437 -8.30 -15.96 -18.62
CA ILE B 437 -7.93 -17.23 -18.02
C ILE B 437 -6.64 -17.05 -17.22
N ASN B 438 -5.64 -16.43 -17.86
CA ASN B 438 -4.36 -16.20 -17.23
C ASN B 438 -4.55 -15.51 -15.89
N PHE B 439 -5.27 -14.41 -15.91
CA PHE B 439 -5.51 -13.64 -14.69
C PHE B 439 -6.46 -14.28 -13.70
N GLY B 440 -7.35 -15.14 -14.20
CA GLY B 440 -8.28 -15.80 -13.31
C GLY B 440 -7.54 -16.76 -12.39
N LEU B 441 -6.54 -17.45 -12.93
CA LEU B 441 -5.74 -18.42 -12.16
C LEU B 441 -5.10 -17.82 -10.91
N ILE B 442 -4.52 -16.63 -11.08
CA ILE B 442 -3.87 -15.91 -9.99
C ILE B 442 -4.85 -15.72 -8.83
N TYR B 443 -6.04 -15.20 -9.14
CA TYR B 443 -7.09 -14.98 -8.16
C TYR B 443 -7.85 -16.27 -7.88
N GLY B 444 -7.38 -17.37 -8.47
CA GLY B 444 -7.99 -18.68 -8.29
C GLY B 444 -9.42 -18.77 -8.81
N MET B 445 -9.80 -17.81 -9.66
CA MET B 445 -11.14 -17.74 -10.24
C MET B 445 -11.73 -19.04 -10.75
N SER B 446 -13.00 -19.24 -10.40
CA SER B 446 -13.76 -20.42 -10.80
C SER B 446 -14.08 -20.37 -12.30
N ALA B 447 -14.26 -21.55 -12.88
CA ALA B 447 -14.58 -21.69 -14.30
C ALA B 447 -15.88 -20.98 -14.69
N PHE B 448 -16.70 -20.68 -13.69
CA PHE B 448 -17.97 -20.03 -13.92
C PHE B 448 -17.77 -18.53 -13.82
N GLY B 449 -16.85 -18.13 -12.94
CA GLY B 449 -16.54 -16.72 -12.79
C GLY B 449 -15.91 -16.23 -14.08
N LEU B 450 -15.03 -17.07 -14.65
CA LEU B 450 -14.36 -16.78 -15.91
C LEU B 450 -15.43 -16.59 -17.00
N ALA B 451 -16.49 -17.40 -16.91
CA ALA B 451 -17.60 -17.33 -17.85
C ALA B 451 -18.31 -15.99 -17.73
N ARG B 452 -18.31 -15.42 -16.51
CA ARG B 452 -18.95 -14.13 -16.22
C ARG B 452 -18.13 -12.90 -16.64
N GLN B 453 -16.82 -13.06 -16.80
CA GLN B 453 -15.96 -11.96 -17.21
C GLN B 453 -15.87 -11.96 -18.73
N LEU B 454 -15.99 -13.16 -19.29
CA LEU B 454 -15.88 -13.39 -20.72
C LEU B 454 -17.20 -13.37 -21.48
N ASN B 455 -18.31 -13.46 -20.76
CA ASN B 455 -19.67 -13.45 -21.36
C ASN B 455 -20.05 -14.69 -22.16
N ILE B 456 -19.26 -15.76 -22.03
CA ILE B 456 -19.53 -17.01 -22.72
C ILE B 456 -20.36 -17.88 -21.77
N PRO B 457 -20.96 -18.98 -22.30
CA PRO B 457 -21.76 -19.86 -21.46
C PRO B 457 -20.88 -20.69 -20.53
N ARG B 458 -21.50 -21.24 -19.48
CA ARG B 458 -20.79 -22.10 -18.53
C ARG B 458 -20.38 -23.33 -19.34
N LYS B 459 -19.39 -24.08 -18.85
CA LYS B 459 -18.91 -25.30 -19.53
C LYS B 459 -18.24 -25.04 -20.89
N GLU B 460 -18.40 -23.82 -21.39
CA GLU B 460 -17.76 -23.37 -22.61
C GLU B 460 -16.45 -22.81 -22.03
N ALA B 461 -16.57 -22.23 -20.84
CA ALA B 461 -15.46 -21.68 -20.08
C ALA B 461 -14.65 -22.85 -19.52
N GLN B 462 -15.38 -23.87 -19.06
CA GLN B 462 -14.76 -25.08 -18.52
C GLN B 462 -13.97 -25.77 -19.62
N LYS B 463 -14.39 -25.57 -20.87
CA LYS B 463 -13.69 -26.16 -22.01
C LYS B 463 -12.32 -25.50 -22.16
N TYR B 464 -12.30 -24.18 -22.09
CA TYR B 464 -11.05 -23.41 -22.23
C TYR B 464 -10.03 -23.73 -21.15
N MET B 465 -10.47 -23.76 -19.89
CA MET B 465 -9.59 -24.05 -18.76
C MET B 465 -8.95 -25.43 -18.83
N ASP B 466 -9.71 -26.40 -19.34
CA ASP B 466 -9.24 -27.78 -19.49
C ASP B 466 -8.11 -27.79 -20.51
N LEU B 467 -8.28 -27.02 -21.58
CA LEU B 467 -7.30 -26.90 -22.63
C LEU B 467 -6.05 -26.23 -22.09
N TYR B 468 -6.25 -25.25 -21.20
CA TYR B 468 -5.14 -24.51 -20.62
C TYR B 468 -4.26 -25.45 -19.79
N PHE B 469 -4.89 -26.17 -18.85
CA PHE B 469 -4.17 -27.09 -17.98
C PHE B 469 -3.47 -28.25 -18.69
N GLU B 470 -3.95 -28.57 -19.89
CA GLU B 470 -3.37 -29.65 -20.67
C GLU B 470 -2.16 -29.15 -21.43
N ARG B 471 -2.19 -27.87 -21.78
CA ARG B 471 -1.09 -27.23 -22.52
C ARG B 471 -0.05 -26.65 -21.54
N TYR B 472 -0.54 -26.32 -20.34
CA TYR B 472 0.27 -25.77 -19.25
C TYR B 472 -0.15 -26.57 -18.03
N PRO B 473 0.36 -27.82 -17.93
CA PRO B 473 0.11 -28.80 -16.86
C PRO B 473 0.76 -28.39 -15.54
N GLY B 474 1.92 -27.71 -15.64
CA GLY B 474 2.64 -27.26 -14.47
C GLY B 474 1.83 -26.32 -13.59
N VAL B 475 0.81 -25.68 -14.18
CA VAL B 475 -0.08 -24.75 -13.46
C VAL B 475 -1.11 -25.48 -12.59
N LEU B 476 -1.60 -26.62 -13.08
CA LEU B 476 -2.56 -27.42 -12.34
C LEU B 476 -1.87 -27.95 -11.10
N GLU B 477 -0.68 -28.52 -11.31
CA GLU B 477 0.13 -29.05 -10.23
C GLU B 477 0.30 -27.98 -9.15
N TYR B 478 0.80 -26.81 -9.55
CA TYR B 478 1.00 -25.73 -8.59
C TYR B 478 -0.28 -25.45 -7.87
N MET B 479 -1.36 -25.32 -8.62
CA MET B 479 -2.62 -25.02 -8.00
C MET B 479 -3.00 -26.03 -6.95
N GLU B 480 -2.88 -27.31 -7.29
CA GLU B 480 -3.22 -28.39 -6.36
C GLU B 480 -2.25 -28.46 -5.18
N ARG B 481 -0.95 -28.40 -5.49
CA ARG B 481 0.11 -28.44 -4.48
C ARG B 481 -0.08 -27.35 -3.43
N THR B 482 -0.50 -26.17 -3.86
CA THR B 482 -0.70 -25.07 -2.95
C THR B 482 -1.94 -25.28 -2.10
N ARG B 483 -3.00 -25.86 -2.67
CA ARG B 483 -4.20 -26.09 -1.88
C ARG B 483 -3.94 -27.25 -0.92
N ALA B 484 -2.88 -28.01 -1.18
CA ALA B 484 -2.50 -29.15 -0.35
C ALA B 484 -1.79 -28.71 0.94
N GLN B 485 -0.65 -28.03 0.80
CA GLN B 485 0.11 -27.54 1.96
C GLN B 485 -0.68 -26.52 2.76
N ALA B 486 -1.57 -25.79 2.10
CA ALA B 486 -2.39 -24.80 2.78
C ALA B 486 -3.32 -25.46 3.81
N LYS B 487 -3.80 -26.66 3.52
CA LYS B 487 -4.65 -27.40 4.46
C LYS B 487 -3.79 -28.03 5.56
N GLU B 488 -2.67 -28.62 5.14
CA GLU B 488 -1.70 -29.28 6.02
C GLU B 488 -1.13 -28.36 7.12
N GLN B 489 -0.50 -27.25 6.70
CA GLN B 489 0.11 -26.34 7.64
C GLN B 489 -0.68 -25.09 8.01
N GLY B 490 -1.83 -24.87 7.38
CA GLY B 490 -2.64 -23.71 7.72
C GLY B 490 -2.16 -22.36 7.22
N TYR B 491 -1.17 -22.35 6.34
CA TYR B 491 -0.60 -21.13 5.76
C TYR B 491 0.15 -21.45 4.44
N VAL B 492 0.39 -20.42 3.63
CA VAL B 492 1.15 -20.55 2.38
C VAL B 492 2.25 -19.49 2.46
N GLU B 493 3.30 -19.64 1.68
CA GLU B 493 4.39 -18.66 1.73
C GLU B 493 4.86 -18.14 0.37
N THR B 494 5.56 -17.01 0.39
CA THR B 494 6.08 -16.41 -0.83
C THR B 494 7.51 -16.90 -1.02
N LEU B 495 8.13 -16.56 -2.14
CA LEU B 495 9.50 -16.98 -2.41
C LEU B 495 10.50 -16.54 -1.36
N ASP B 496 10.23 -15.42 -0.72
CA ASP B 496 11.14 -14.94 0.30
C ASP B 496 10.83 -15.49 1.70
N GLY B 497 9.65 -16.07 1.89
CA GLY B 497 9.32 -16.64 3.19
C GLY B 497 8.11 -16.05 3.87
N ARG B 498 7.59 -14.95 3.33
CA ARG B 498 6.42 -14.29 3.89
C ARG B 498 5.25 -15.28 3.92
N ARG B 499 4.51 -15.28 5.02
CA ARG B 499 3.38 -16.20 5.19
C ARG B 499 2.01 -15.56 5.22
N LEU B 500 1.02 -16.31 4.71
CA LEU B 500 -0.38 -15.91 4.75
C LEU B 500 -1.08 -17.07 5.43
N TYR B 501 -1.59 -16.83 6.64
CA TYR B 501 -2.29 -17.84 7.40
C TYR B 501 -3.74 -17.92 6.97
N LEU B 502 -4.16 -19.14 6.64
CA LEU B 502 -5.52 -19.42 6.20
C LEU B 502 -6.25 -20.18 7.31
N PRO B 503 -7.00 -19.46 8.16
CA PRO B 503 -7.76 -20.03 9.26
C PRO B 503 -9.05 -20.75 8.82
N ASP B 504 -9.55 -20.39 7.65
CA ASP B 504 -10.77 -21.02 7.17
C ASP B 504 -10.53 -22.05 6.10
N ILE B 505 -9.29 -22.52 5.99
CA ILE B 505 -8.94 -23.50 4.96
C ILE B 505 -9.68 -24.81 5.18
N LYS B 506 -9.97 -25.15 6.44
CA LYS B 506 -10.69 -26.38 6.77
C LYS B 506 -12.04 -25.97 7.38
N SER B 507 -12.45 -24.73 7.14
CA SER B 507 -13.69 -24.15 7.72
C SER B 507 -14.93 -24.99 8.05
N SER B 508 -15.26 -25.95 7.18
CA SER B 508 -16.46 -26.81 7.32
C SER B 508 -17.66 -26.03 6.75
N ASN B 509 -17.42 -24.77 6.42
CA ASN B 509 -18.39 -23.88 5.82
C ASN B 509 -18.02 -23.95 4.32
N GLY B 510 -18.98 -23.73 3.44
CA GLY B 510 -18.70 -23.78 2.01
C GLY B 510 -17.88 -22.64 1.43
N ALA B 511 -18.54 -21.49 1.24
CA ALA B 511 -17.94 -20.29 0.67
C ALA B 511 -16.76 -19.71 1.46
N ARG B 512 -16.82 -19.84 2.79
CA ARG B 512 -15.76 -19.34 3.66
C ARG B 512 -14.45 -20.09 3.40
N ARG B 513 -14.57 -21.38 3.12
CA ARG B 513 -13.41 -22.24 2.83
C ARG B 513 -12.98 -22.11 1.37
N ALA B 514 -13.92 -21.70 0.52
CA ALA B 514 -13.64 -21.51 -0.90
C ALA B 514 -12.74 -20.28 -0.99
N ALA B 515 -13.08 -19.26 -0.21
CA ALA B 515 -12.34 -18.02 -0.15
C ALA B 515 -10.91 -18.34 0.27
N ALA B 516 -10.78 -19.22 1.26
CA ALA B 516 -9.49 -19.62 1.78
C ALA B 516 -8.68 -20.40 0.77
N GLU B 517 -9.36 -21.05 -0.16
CA GLU B 517 -8.67 -21.80 -1.20
C GLU B 517 -8.18 -20.88 -2.31
N ARG B 518 -8.91 -19.80 -2.53
CA ARG B 518 -8.53 -18.84 -3.55
C ARG B 518 -7.37 -18.00 -3.03
N ALA B 519 -7.46 -17.62 -1.76
CA ALA B 519 -6.40 -16.82 -1.13
C ALA B 519 -5.10 -17.61 -1.15
N ALA B 520 -5.20 -18.94 -0.99
CA ALA B 520 -4.05 -19.82 -0.97
C ALA B 520 -3.23 -19.81 -2.24
N ILE B 521 -3.92 -19.92 -3.37
CA ILE B 521 -3.29 -19.93 -4.69
C ILE B 521 -2.75 -18.55 -5.00
N ASN B 522 -3.52 -17.55 -4.62
CA ASN B 522 -3.21 -16.14 -4.88
C ASN B 522 -2.03 -15.56 -4.12
N ALA B 523 -2.12 -15.56 -2.79
CA ALA B 523 -1.11 -15.01 -1.90
C ALA B 523 0.35 -15.24 -2.31
N PRO B 524 0.73 -16.48 -2.66
CA PRO B 524 2.12 -16.71 -3.07
C PRO B 524 2.59 -15.86 -4.26
N MET B 525 1.71 -15.57 -5.21
CA MET B 525 2.09 -14.75 -6.36
C MET B 525 2.06 -13.25 -6.08
N GLN B 526 1.05 -12.81 -5.36
CA GLN B 526 0.85 -11.41 -4.97
C GLN B 526 1.90 -11.01 -3.92
N GLY B 527 2.05 -11.86 -2.91
CA GLY B 527 3.03 -11.62 -1.86
C GLY B 527 4.44 -11.54 -2.42
N THR B 528 4.77 -12.42 -3.35
CA THR B 528 6.09 -12.40 -3.98
C THR B 528 6.28 -11.11 -4.79
N ALA B 529 5.20 -10.62 -5.41
CA ALA B 529 5.30 -9.38 -6.18
C ALA B 529 5.61 -8.29 -5.16
N ALA B 530 4.85 -8.28 -4.06
CA ALA B 530 5.04 -7.31 -3.01
C ALA B 530 6.46 -7.31 -2.47
N ASP B 531 7.02 -8.50 -2.27
CA ASP B 531 8.37 -8.61 -1.74
C ASP B 531 9.35 -8.06 -2.74
N ILE B 532 9.17 -8.42 -4.02
CA ILE B 532 10.04 -7.96 -5.09
C ILE B 532 10.05 -6.42 -5.17
N ILE B 533 8.86 -5.85 -5.08
CA ILE B 533 8.70 -4.39 -5.13
C ILE B 533 9.38 -3.73 -3.92
N LYS B 534 9.22 -4.30 -2.73
CA LYS B 534 9.84 -3.74 -1.52
C LYS B 534 11.36 -3.80 -1.64
N ARG B 535 11.88 -4.93 -2.11
CA ARG B 535 13.33 -5.09 -2.28
C ARG B 535 13.88 -4.09 -3.30
N ALA B 536 13.09 -3.80 -4.34
CA ALA B 536 13.51 -2.84 -5.37
C ALA B 536 13.57 -1.42 -4.79
N MET B 537 12.56 -1.06 -3.99
CA MET B 537 12.53 0.26 -3.38
C MET B 537 13.78 0.44 -2.51
N ILE B 538 14.08 -0.55 -1.68
CA ILE B 538 15.26 -0.50 -0.80
C ILE B 538 16.52 -0.33 -1.63
N ALA B 539 16.63 -1.12 -2.69
CA ALA B 539 17.81 -1.09 -3.54
C ALA B 539 17.96 0.26 -4.22
N VAL B 540 16.88 0.76 -4.82
CA VAL B 540 16.99 2.03 -5.52
C VAL B 540 17.24 3.15 -4.53
N ASP B 541 16.57 3.09 -3.38
CA ASP B 541 16.74 4.12 -2.35
C ASP B 541 18.16 4.16 -1.80
N ALA B 542 18.80 2.99 -1.75
CA ALA B 542 20.16 2.86 -1.25
C ALA B 542 21.12 3.53 -2.22
N TRP B 543 20.83 3.42 -3.52
CA TRP B 543 21.67 4.06 -4.54
C TRP B 543 21.48 5.58 -4.44
N LEU B 544 20.24 6.01 -4.26
CA LEU B 544 19.88 7.40 -4.12
C LEU B 544 20.61 8.04 -2.93
N GLN B 545 20.57 7.37 -1.78
CA GLN B 545 21.22 7.89 -0.58
C GLN B 545 22.73 7.95 -0.71
N ALA B 546 23.32 6.94 -1.35
CA ALA B 546 24.77 6.88 -1.50
C ALA B 546 25.34 7.78 -2.60
N GLU B 547 24.76 7.69 -3.81
CA GLU B 547 25.21 8.46 -4.96
C GLU B 547 24.64 9.89 -5.09
N GLN B 548 23.48 10.13 -4.47
CA GLN B 548 22.85 11.44 -4.49
C GLN B 548 22.56 12.06 -5.86
N PRO B 549 22.06 11.26 -6.83
CA PRO B 549 21.76 11.80 -8.17
C PRO B 549 20.57 12.78 -8.10
N ARG B 550 20.27 13.47 -9.21
CA ARG B 550 19.14 14.40 -9.19
C ARG B 550 17.80 13.72 -9.41
N VAL B 551 17.45 12.86 -8.46
CA VAL B 551 16.20 12.13 -8.53
C VAL B 551 15.58 11.91 -7.15
N ARG B 552 14.25 11.95 -7.12
CA ARG B 552 13.43 11.76 -5.93
C ARG B 552 12.45 10.66 -6.28
N MET B 553 12.26 9.69 -5.39
CA MET B 553 11.30 8.61 -5.64
C MET B 553 10.00 9.13 -5.05
N ILE B 554 8.99 9.34 -5.89
CA ILE B 554 7.76 9.92 -5.39
C ILE B 554 6.55 9.07 -5.13
N MET B 555 6.39 7.96 -5.83
CA MET B 555 5.21 7.12 -5.62
C MET B 555 5.47 5.64 -5.82
N GLN B 556 4.56 4.83 -5.29
CA GLN B 556 4.59 3.38 -5.44
C GLN B 556 3.12 3.08 -5.58
N VAL B 557 2.75 2.45 -6.69
CA VAL B 557 1.36 2.10 -6.91
C VAL B 557 1.35 0.85 -7.78
N HIS B 558 0.61 -0.15 -7.34
CA HIS B 558 0.54 -1.42 -8.05
C HIS B 558 1.96 -1.99 -8.22
N ASP B 559 2.35 -2.31 -9.45
CA ASP B 559 3.65 -2.89 -9.73
C ASP B 559 4.65 -1.87 -10.28
N GLU B 560 4.46 -0.59 -9.95
CA GLU B 560 5.34 0.47 -10.45
C GLU B 560 5.86 1.46 -9.39
N LEU B 561 7.03 2.04 -9.68
CA LEU B 561 7.69 3.04 -8.84
C LEU B 561 7.77 4.32 -9.68
N VAL B 562 7.44 5.46 -9.08
CA VAL B 562 7.49 6.72 -9.81
C VAL B 562 8.49 7.72 -9.24
N PHE B 563 9.25 8.35 -10.12
CA PHE B 563 10.27 9.32 -9.74
C PHE B 563 10.09 10.66 -10.49
N GLU B 564 10.93 11.61 -10.09
CA GLU B 564 11.05 12.91 -10.71
C GLU B 564 12.55 12.84 -10.98
N VAL B 565 12.95 12.98 -12.23
CA VAL B 565 14.36 12.93 -12.58
C VAL B 565 14.74 14.17 -13.34
N HIS B 566 15.95 14.69 -13.11
CA HIS B 566 16.36 15.86 -13.84
C HIS B 566 16.43 15.58 -15.34
N LYS B 567 15.85 16.50 -16.13
CA LYS B 567 15.77 16.39 -17.58
C LYS B 567 17.10 16.09 -18.27
N ASP B 568 18.20 16.63 -17.77
CA ASP B 568 19.50 16.38 -18.38
C ASP B 568 20.06 15.02 -17.95
N ASP B 569 19.46 14.42 -16.93
CA ASP B 569 19.92 13.15 -16.38
C ASP B 569 19.14 11.90 -16.79
N VAL B 570 18.00 12.09 -17.45
CA VAL B 570 17.11 11.00 -17.84
C VAL B 570 17.65 9.64 -18.32
N ASP B 571 18.57 9.66 -19.28
CA ASP B 571 19.12 8.43 -19.85
C ASP B 571 19.94 7.57 -18.93
N ALA B 572 20.95 8.17 -18.29
CA ALA B 572 21.82 7.45 -17.36
C ALA B 572 21.09 6.96 -16.10
N VAL B 573 20.12 7.75 -15.64
CA VAL B 573 19.32 7.42 -14.46
C VAL B 573 18.33 6.31 -14.78
N ALA B 574 17.77 6.33 -15.99
CA ALA B 574 16.81 5.32 -16.43
C ALA B 574 17.49 3.98 -16.60
N LYS B 575 18.74 4.00 -17.09
CA LYS B 575 19.47 2.76 -17.25
C LYS B 575 19.66 2.16 -15.87
N GLN B 576 20.01 3.02 -14.91
CA GLN B 576 20.25 2.61 -13.54
C GLN B 576 19.03 2.07 -12.80
N ILE B 577 17.91 2.76 -12.87
CA ILE B 577 16.70 2.31 -12.18
C ILE B 577 16.34 0.95 -12.77
N HIS B 578 16.51 0.84 -14.08
CA HIS B 578 16.21 -0.38 -14.82
C HIS B 578 17.06 -1.56 -14.31
N GLN B 579 18.34 -1.32 -14.11
CA GLN B 579 19.23 -2.37 -13.62
C GLN B 579 18.95 -2.72 -12.17
N LEU B 580 18.73 -1.70 -11.32
CA LEU B 580 18.47 -1.94 -9.91
C LEU B 580 17.19 -2.75 -9.70
N MET B 581 16.17 -2.49 -10.52
CA MET B 581 14.91 -3.21 -10.37
C MET B 581 14.84 -4.62 -10.95
N GLU B 582 15.43 -4.83 -12.13
CA GLU B 582 15.41 -6.16 -12.77
C GLU B 582 16.64 -7.05 -12.46
N ASN B 583 17.50 -6.59 -11.53
CA ASN B 583 18.70 -7.34 -11.17
C ASN B 583 19.07 -7.42 -9.67
N CYS B 584 18.74 -6.39 -8.91
CA CYS B 584 19.05 -6.38 -7.48
C CYS B 584 17.89 -6.84 -6.57
N THR B 585 17.07 -7.73 -7.12
CA THR B 585 15.95 -8.29 -6.39
C THR B 585 16.12 -9.81 -6.50
N ARG B 586 15.05 -10.53 -6.84
CA ARG B 586 15.14 -11.97 -6.98
C ARG B 586 15.64 -12.35 -8.37
N LEU B 587 16.70 -13.15 -8.41
CA LEU B 587 17.30 -13.58 -9.67
C LEU B 587 16.64 -14.85 -10.20
N ASP B 588 15.57 -15.30 -9.55
CA ASP B 588 14.89 -16.51 -9.95
C ASP B 588 13.61 -16.33 -10.79
N VAL B 589 12.95 -15.20 -10.61
CA VAL B 589 11.76 -14.92 -11.38
C VAL B 589 12.25 -14.09 -12.57
N PRO B 590 11.80 -14.44 -13.80
CA PRO B 590 12.21 -13.71 -15.02
C PRO B 590 11.49 -12.37 -15.03
N LEU B 591 12.21 -11.33 -14.63
CA LEU B 591 11.64 -10.00 -14.51
C LEU B 591 11.98 -9.09 -15.65
N LEU B 592 11.07 -8.14 -15.91
CA LEU B 592 11.24 -7.14 -16.96
C LEU B 592 10.71 -5.78 -16.47
N VAL B 593 11.56 -4.78 -16.53
CA VAL B 593 11.17 -3.44 -16.09
C VAL B 593 11.06 -2.49 -17.29
N GLU B 594 9.85 -1.96 -17.46
CA GLU B 594 9.52 -1.02 -18.52
C GLU B 594 9.67 0.37 -17.94
N VAL B 595 10.64 1.11 -18.44
CA VAL B 595 10.88 2.49 -17.97
C VAL B 595 10.45 3.53 -19.00
N GLY B 596 9.55 4.43 -18.58
CA GLY B 596 9.05 5.51 -19.43
C GLY B 596 9.17 6.88 -18.78
N SER B 597 9.19 7.95 -19.58
CA SER B 597 9.31 9.31 -19.04
C SER B 597 8.43 10.35 -19.75
N GLY B 598 8.07 11.41 -19.03
CA GLY B 598 7.23 12.44 -19.59
C GLY B 598 7.18 13.68 -18.73
N GLU B 599 6.23 14.56 -19.02
CA GLU B 599 6.06 15.80 -18.27
C GLU B 599 5.17 15.62 -17.06
N ASN B 600 4.34 14.59 -17.13
CA ASN B 600 3.45 14.26 -16.05
C ASN B 600 3.39 12.73 -15.88
N TRP B 601 2.70 12.27 -14.86
CA TRP B 601 2.60 10.86 -14.60
C TRP B 601 1.99 10.15 -15.79
N ASP B 602 0.97 10.72 -16.41
CA ASP B 602 0.33 10.10 -17.58
C ASP B 602 1.26 9.90 -18.81
N GLN B 603 2.13 10.87 -19.07
CA GLN B 603 3.07 10.79 -20.20
C GLN B 603 4.11 9.68 -20.02
N ALA B 604 4.54 9.43 -18.78
CA ALA B 604 5.54 8.39 -18.52
C ALA B 604 4.93 7.01 -18.32
N HIS B 605 3.70 6.98 -17.81
CA HIS B 605 2.94 5.76 -17.55
C HIS B 605 2.60 5.12 -18.91
ZN ZN C . 4.78 7.36 18.05
ZN ZN D . 3.76 8.03 21.78
ZN ZN E . -5.77 -16.45 4.28
#